data_3MKB
#
_entry.id   3MKB
#
_cell.length_a   60.259
_cell.length_b   61.099
_cell.length_c   72.207
_cell.angle_alpha   90.00
_cell.angle_beta   96.49
_cell.angle_gamma   90.00
#
_symmetry.space_group_name_H-M   'P 1 21 1'
#
loop_
_entity.id
_entity.type
_entity.pdbx_description
1 polymer 'Hemoglobin subunit alpha'
2 polymer 'Hemoglobin subunit beta'
3 non-polymer 'PROTOPORPHYRIN IX CONTAINING FE'
4 water water
#
loop_
_entity_poly.entity_id
_entity_poly.type
_entity_poly.pdbx_seq_one_letter_code
_entity_poly.pdbx_strand_id
1 'polypeptide(L)'
;AFTGVERSTIGAIAKILASTPEAYGAEALARLFATHPGAKSYFDYADYSAAGAKVQLHGGKVIRAVVSAAEHDDDLHAHL
MVLAVTHGKKLLVDPSNFPMLSECILVTLATHLAEFSPATHCAVDKLLSAISSELSSKYR
;
A,C
2 'polypeptide(L)'
;VHWTQEERDEIVKTFFSANSSAIGTKALERMFVVFPWTNAYFAK(UNK)(UNK)(UNK)FSASIHAAIVVGALQDAVKHE
DDVKAEFVNISKAHADKLHIDPGSFHLLTDSFIVELAHLKKVAFTPFVFAVWIKFFQVVIDAISSQYH
;
B,D
#
loop_
_chem_comp.id
_chem_comp.type
_chem_comp.name
_chem_comp.formula
HEM non-polymer 'PROTOPORPHYRIN IX CONTAINING FE' 'C34 H32 Fe N4 O4'
#
# COMPACT_ATOMS: atom_id res chain seq x y z
N ALA A 1 -9.77 21.43 2.78
CA ALA A 1 -10.18 20.01 3.12
C ALA A 1 -10.85 19.88 4.50
N PHE A 2 -10.82 20.93 5.32
CA PHE A 2 -11.44 20.87 6.65
C PHE A 2 -12.72 21.71 6.83
N THR A 3 -13.86 21.03 6.83
CA THR A 3 -15.15 21.59 7.26
C THR A 3 -15.09 22.10 8.71
N GLY A 4 -15.90 23.12 8.99
CA GLY A 4 -16.07 23.64 10.35
C GLY A 4 -16.31 22.54 11.37
N VAL A 5 -17.10 21.53 11.01
CA VAL A 5 -17.46 20.45 11.93
C VAL A 5 -16.24 19.53 12.23
N GLU A 6 -15.41 19.31 11.21
CA GLU A 6 -14.17 18.57 11.41
C GLU A 6 -13.17 19.35 12.24
N ARG A 7 -13.05 20.66 11.97
CA ARG A 7 -12.09 21.51 12.73
C ARG A 7 -12.41 21.46 14.19
N SER A 8 -13.70 21.58 14.51
CA SER A 8 -14.13 21.48 15.88
C SER A 8 -13.73 20.12 16.49
N THR A 9 -14.02 19.06 15.75
CA THR A 9 -13.79 17.71 16.23
C THR A 9 -12.29 17.42 16.44
N ILE A 10 -11.46 17.87 15.51
CA ILE A 10 -10.00 17.72 15.60
C ILE A 10 -9.50 18.44 16.88
N GLY A 11 -9.90 19.72 17.05
CA GLY A 11 -9.64 20.53 18.25
C GLY A 11 -9.91 19.76 19.54
N ALA A 12 -11.11 19.19 19.65
CA ALA A 12 -11.46 18.42 20.85
C ALA A 12 -10.53 17.20 21.02
N ILE A 13 -10.35 16.41 19.95
CA ILE A 13 -9.36 15.29 19.95
C ILE A 13 -7.94 15.75 20.37
N ALA A 14 -7.44 16.85 19.77
CA ALA A 14 -6.12 17.41 20.13
C ALA A 14 -5.98 17.70 21.62
N LYS A 15 -7.03 18.25 22.21
CA LYS A 15 -7.01 18.56 23.61
C LYS A 15 -6.93 17.28 24.46
N ILE A 16 -7.58 16.21 24.01
CA ILE A 16 -7.51 15.00 24.81
C ILE A 16 -6.15 14.31 24.66
N LEU A 17 -5.61 14.30 23.44
CA LEU A 17 -4.24 13.77 23.19
C LEU A 17 -3.20 14.52 24.04
N ALA A 18 -3.35 15.84 24.09
CA ALA A 18 -2.42 16.73 24.81
C ALA A 18 -2.28 16.37 26.28
N SER A 19 -3.37 15.87 26.88
CA SER A 19 -3.31 15.46 28.29
C SER A 19 -2.43 14.28 28.58
N THR A 20 -2.33 13.35 27.63
CA THR A 20 -1.58 12.13 27.83
C THR A 20 -1.08 11.83 26.41
N PRO A 21 -0.09 12.57 25.91
CA PRO A 21 0.65 12.17 24.67
C PRO A 21 1.55 10.91 24.72
N GLU A 22 2.30 10.72 25.81
CA GLU A 22 3.11 9.49 25.95
C GLU A 22 2.29 8.20 26.05
N ALA A 23 1.20 8.25 26.83
CA ALA A 23 0.32 7.07 26.95
C ALA A 23 -0.30 6.67 25.60
N TYR A 24 -0.87 7.66 24.92
CA TYR A 24 -1.46 7.48 23.57
C TYR A 24 -0.42 7.07 22.55
N GLY A 25 0.72 7.76 22.56
CA GLY A 25 1.82 7.51 21.64
C GLY A 25 2.42 6.12 21.84
N ALA A 26 2.73 5.78 23.07
CA ALA A 26 3.40 4.51 23.34
C ALA A 26 2.48 3.37 22.84
N GLU A 27 1.17 3.55 23.05
CA GLU A 27 0.20 2.50 22.69
C GLU A 27 0.09 2.39 21.17
N ALA A 28 0.09 3.53 20.47
CA ALA A 28 -0.06 3.48 19.04
C ALA A 28 1.19 2.83 18.44
N LEU A 29 2.38 3.18 18.96
CA LEU A 29 3.62 2.58 18.41
C LEU A 29 3.65 1.07 18.76
N ALA A 30 3.18 0.70 19.94
CA ALA A 30 3.10 -0.74 20.32
C ALA A 30 2.19 -1.53 19.34
N ARG A 31 1.06 -0.93 18.99
CA ARG A 31 0.20 -1.45 17.90
C ARG A 31 0.94 -1.58 16.58
N LEU A 32 1.64 -0.55 16.11
CA LEU A 32 2.47 -0.64 14.93
C LEU A 32 3.40 -1.87 14.94
N PHE A 33 4.15 -2.01 16.02
CA PHE A 33 5.19 -3.05 16.11
C PHE A 33 4.57 -4.44 16.16
N ALA A 34 3.43 -4.56 16.82
CA ALA A 34 2.69 -5.83 16.90
C ALA A 34 2.05 -6.22 15.54
N THR A 35 1.37 -5.26 14.87
CA THR A 35 0.65 -5.57 13.65
C THR A 35 1.52 -5.42 12.40
N HIS A 36 2.67 -4.73 12.52
CA HIS A 36 3.62 -4.56 11.40
C HIS A 36 5.05 -4.60 11.95
N PRO A 37 5.55 -5.80 12.26
CA PRO A 37 6.85 -5.96 12.92
C PRO A 37 8.02 -5.41 12.09
N GLY A 38 7.79 -5.11 10.81
CA GLY A 38 8.84 -4.61 9.90
C GLY A 38 9.25 -3.24 10.42
N ALA A 39 8.30 -2.56 11.05
CA ALA A 39 8.59 -1.22 11.62
C ALA A 39 9.58 -1.26 12.78
N LYS A 40 9.72 -2.40 13.46
CA LYS A 40 10.73 -2.51 14.51
C LYS A 40 12.17 -2.27 14.00
N SER A 41 12.36 -2.38 12.68
CA SER A 41 13.68 -2.34 12.06
C SER A 41 14.39 -1.02 12.26
N TYR A 42 13.63 0.07 12.44
CA TYR A 42 14.16 1.40 12.72
C TYR A 42 14.66 1.65 14.13
N PHE A 43 14.33 0.77 15.07
CA PHE A 43 14.48 1.08 16.51
C PHE A 43 15.30 0.01 17.24
N ASP A 44 16.36 0.40 17.90
CA ASP A 44 17.18 -0.56 18.65
C ASP A 44 16.64 -0.58 20.07
N TYR A 45 15.51 -1.27 20.28
CA TYR A 45 14.84 -1.30 21.57
C TYR A 45 14.97 -2.70 22.17
N ALA A 46 14.85 -2.78 23.48
CA ALA A 46 14.71 -4.05 24.19
C ALA A 46 13.18 -4.34 24.35
N ASP A 47 12.40 -3.32 24.60
CA ASP A 47 10.96 -3.50 24.87
C ASP A 47 10.16 -2.69 23.79
N TYR A 48 9.41 -3.41 22.95
CA TYR A 48 8.59 -2.82 21.90
C TYR A 48 7.09 -2.61 22.27
N SER A 49 6.76 -2.93 23.52
CA SER A 49 5.44 -2.69 24.14
C SER A 49 5.33 -1.22 24.62
N ALA A 50 4.13 -0.82 25.06
CA ALA A 50 3.84 0.53 25.57
C ALA A 50 4.54 0.84 26.88
N ALA A 51 5.00 -0.23 27.53
CA ALA A 51 5.79 -0.17 28.75
C ALA A 51 7.22 0.36 28.52
N GLY A 52 7.75 0.16 27.31
CA GLY A 52 9.15 0.45 26.95
C GLY A 52 9.50 1.92 27.12
N ALA A 53 10.59 2.24 27.86
CA ALA A 53 10.99 3.68 28.04
C ALA A 53 11.14 4.44 26.71
N LYS A 54 11.80 3.82 25.77
CA LYS A 54 12.11 4.48 24.53
C LYS A 54 10.89 4.57 23.61
N VAL A 55 9.99 3.59 23.74
CA VAL A 55 8.66 3.68 23.04
C VAL A 55 7.80 4.86 23.57
N GLN A 56 7.81 5.02 24.88
CA GLN A 56 7.13 6.13 25.52
C GLN A 56 7.67 7.45 25.02
N LEU A 57 8.97 7.54 24.99
CA LEU A 57 9.67 8.77 24.49
C LEU A 57 9.29 9.18 23.08
N HIS A 58 9.43 8.24 22.13
CA HIS A 58 9.05 8.49 20.75
C HIS A 58 7.53 8.68 20.68
N GLY A 59 6.77 7.89 21.43
CA GLY A 59 5.33 8.04 21.38
C GLY A 59 4.84 9.43 21.73
N GLY A 60 5.36 10.00 22.82
CA GLY A 60 4.96 11.37 23.20
C GLY A 60 5.28 12.36 22.10
N LYS A 61 6.52 12.27 21.60
CA LYS A 61 6.97 13.14 20.50
C LYS A 61 6.05 13.02 19.30
N VAL A 62 5.69 11.79 18.89
CA VAL A 62 4.67 11.63 17.85
C VAL A 62 3.36 12.41 18.15
N ILE A 63 2.78 12.16 19.31
CA ILE A 63 1.47 12.68 19.62
C ILE A 63 1.58 14.17 19.88
N ARG A 64 2.66 14.62 20.54
CA ARG A 64 2.83 16.10 20.71
C ARG A 64 2.81 16.79 19.37
N ALA A 65 3.49 16.18 18.38
CA ALA A 65 3.55 16.70 17.02
C ALA A 65 2.20 16.67 16.28
N VAL A 66 1.44 15.58 16.48
CA VAL A 66 0.11 15.54 15.92
C VAL A 66 -0.73 16.66 16.51
N VAL A 67 -0.60 16.90 17.80
CA VAL A 67 -1.32 17.97 18.45
C VAL A 67 -1.00 19.32 17.82
N SER A 68 0.28 19.60 17.67
CA SER A 68 0.71 20.79 16.94
C SER A 68 0.24 20.93 15.50
N ALA A 69 0.31 19.84 14.73
CA ALA A 69 -0.30 19.84 13.42
C ALA A 69 -1.79 20.28 13.49
N ALA A 70 -2.49 19.76 14.49
CA ALA A 70 -3.88 20.12 14.73
C ALA A 70 -4.01 21.65 14.97
N GLU A 71 -3.04 22.25 15.64
CA GLU A 71 -3.05 23.71 15.86
C GLU A 71 -2.46 24.50 14.65
N HIS A 72 -2.30 23.79 13.52
CA HIS A 72 -1.75 24.35 12.28
C HIS A 72 -2.52 23.89 11.03
N ASP A 73 -3.84 23.77 11.14
CA ASP A 73 -4.67 23.09 10.11
C ASP A 73 -4.57 23.71 8.71
N ASP A 74 -4.27 25.00 8.63
CA ASP A 74 -4.26 25.72 7.35
C ASP A 74 -2.86 26.12 6.85
N ASP A 75 -1.84 25.54 7.48
CA ASP A 75 -0.44 25.89 7.37
C ASP A 75 0.45 24.65 7.24
N LEU A 76 -0.15 23.47 7.22
CA LEU A 76 0.53 22.19 7.47
C LEU A 76 1.84 22.02 6.66
N HIS A 77 1.81 22.54 5.44
CA HIS A 77 2.98 22.42 4.56
C HIS A 77 4.23 23.08 5.16
N ALA A 78 4.08 24.29 5.64
CA ALA A 78 5.18 25.00 6.27
C ALA A 78 5.46 24.47 7.68
N HIS A 79 4.41 24.13 8.42
CA HIS A 79 4.56 23.74 9.81
C HIS A 79 5.35 22.44 9.99
N LEU A 80 5.16 21.53 9.05
CA LEU A 80 5.69 20.18 9.12
C LEU A 80 7.04 20.02 8.39
N MET A 81 7.58 21.10 7.82
CA MET A 81 8.78 20.94 6.99
C MET A 81 9.97 20.39 7.79
N VAL A 82 10.15 20.89 9.00
CA VAL A 82 11.23 20.41 9.86
C VAL A 82 11.15 18.89 10.03
N LEU A 83 9.95 18.41 10.28
CA LEU A 83 9.80 17.02 10.56
C LEU A 83 9.95 16.14 9.29
N ALA A 84 9.45 16.66 8.18
CA ALA A 84 9.62 16.04 6.88
C ALA A 84 11.13 15.89 6.57
N VAL A 85 11.91 16.93 6.87
CA VAL A 85 13.38 16.82 6.68
C VAL A 85 14.08 15.82 7.60
N THR A 86 13.71 15.77 8.87
CA THR A 86 14.29 14.79 9.78
C THR A 86 13.93 13.37 9.36
N HIS A 87 12.64 13.12 9.09
CA HIS A 87 12.23 11.75 8.72
C HIS A 87 12.68 11.31 7.37
N GLY A 88 12.60 12.26 6.44
CA GLY A 88 12.91 12.02 5.09
C GLY A 88 14.40 12.03 4.76
N LYS A 89 15.19 12.88 5.41
CA LYS A 89 16.64 13.04 5.04
C LYS A 89 17.64 12.49 6.07
N LYS A 90 17.31 12.59 7.35
CA LYS A 90 18.20 12.06 8.37
C LYS A 90 17.85 10.60 8.74
N LEU A 91 16.63 10.37 9.19
CA LEU A 91 16.24 9.01 9.69
C LEU A 91 15.98 8.04 8.54
N LEU A 92 15.56 8.58 7.40
CA LEU A 92 15.26 7.83 6.13
C LEU A 92 14.25 6.75 6.34
N VAL A 93 13.16 7.12 6.97
CA VAL A 93 12.11 6.11 7.26
C VAL A 93 11.35 5.86 5.97
N ASP A 94 11.15 4.60 5.62
CA ASP A 94 10.36 4.34 4.41
C ASP A 94 8.92 4.88 4.59
N PRO A 95 8.48 5.74 3.65
CA PRO A 95 7.22 6.42 3.73
C PRO A 95 5.99 5.51 3.86
N SER A 96 6.05 4.28 3.36
CA SER A 96 4.97 3.34 3.60
C SER A 96 4.61 3.19 5.08
N ASN A 97 5.51 3.60 5.97
CA ASN A 97 5.27 3.36 7.40
C ASN A 97 4.30 4.40 7.95
N PHE A 98 4.25 5.60 7.36
CA PHE A 98 3.37 6.66 7.94
C PHE A 98 1.89 6.23 7.96
N PRO A 99 1.30 5.83 6.81
CA PRO A 99 -0.10 5.40 7.02
C PRO A 99 -0.33 4.16 7.88
N MET A 100 0.64 3.27 8.02
CA MET A 100 0.47 2.19 9.10
C MET A 100 0.36 2.82 10.49
N LEU A 101 1.23 3.81 10.79
CA LEU A 101 1.16 4.40 12.11
C LEU A 101 -0.17 5.13 12.31
N SER A 102 -0.61 5.87 11.28
CA SER A 102 -1.89 6.53 11.33
C SER A 102 -3.05 5.62 11.78
N GLU A 103 -3.15 4.45 11.17
CA GLU A 103 -4.21 3.55 11.52
C GLU A 103 -4.11 3.03 12.95
N CYS A 104 -2.89 2.79 13.40
CA CYS A 104 -2.60 2.47 14.79
C CYS A 104 -2.97 3.61 15.76
N ILE A 105 -2.82 4.88 15.37
CA ILE A 105 -3.30 5.96 16.21
C ILE A 105 -4.81 5.95 16.26
N LEU A 106 -5.45 5.70 15.13
CA LEU A 106 -6.92 5.72 15.07
C LEU A 106 -7.45 4.59 15.94
N VAL A 107 -6.88 3.39 15.80
CA VAL A 107 -7.30 2.28 16.67
C VAL A 107 -7.14 2.54 18.17
N THR A 108 -6.03 3.14 18.56
CA THR A 108 -5.83 3.61 19.93
C THR A 108 -6.95 4.53 20.37
N LEU A 109 -7.38 5.48 19.52
CA LEU A 109 -8.44 6.42 19.99
C LEU A 109 -9.75 5.65 20.18
N ALA A 110 -9.98 4.70 19.28
CA ALA A 110 -11.20 3.92 19.31
C ALA A 110 -11.25 3.13 20.59
N THR A 111 -10.10 2.71 21.12
CA THR A 111 -10.15 1.90 22.34
C THR A 111 -10.37 2.78 23.55
N HIS A 112 -10.11 4.09 23.40
CA HIS A 112 -10.09 5.03 24.55
C HIS A 112 -11.22 6.00 24.64
N LEU A 113 -11.54 6.67 23.55
CA LEU A 113 -12.48 7.78 23.58
C LEU A 113 -13.90 7.26 23.81
N ALA A 114 -14.64 7.96 24.68
CA ALA A 114 -16.05 7.66 24.89
C ALA A 114 -16.75 7.74 23.56
N GLU A 115 -16.38 8.70 22.74
CA GLU A 115 -17.05 8.84 21.48
C GLU A 115 -16.03 8.76 20.28
N PHE A 116 -16.26 7.84 19.35
CA PHE A 116 -15.39 7.73 18.17
C PHE A 116 -16.43 7.26 17.16
N SER A 117 -17.10 8.25 16.60
CA SER A 117 -18.13 8.01 15.62
C SER A 117 -17.42 7.99 14.25
N PRO A 118 -18.11 7.47 13.22
CA PRO A 118 -17.58 7.55 11.89
C PRO A 118 -17.23 8.99 11.46
N ALA A 119 -18.05 9.99 11.80
CA ALA A 119 -17.69 11.37 11.48
C ALA A 119 -16.38 11.83 12.16
N THR A 120 -16.19 11.46 13.41
CA THR A 120 -15.00 11.87 14.19
C THR A 120 -13.73 11.20 13.63
N HIS A 121 -13.84 9.89 13.43
CA HIS A 121 -12.80 9.09 12.79
C HIS A 121 -12.42 9.67 11.43
N CYS A 122 -13.43 10.05 10.64
CA CYS A 122 -13.18 10.62 9.32
C CYS A 122 -12.34 11.88 9.51
N ALA A 123 -12.77 12.74 10.42
CA ALA A 123 -12.02 13.99 10.71
C ALA A 123 -10.54 13.77 11.07
N VAL A 124 -10.30 12.87 12.01
CA VAL A 124 -8.93 12.58 12.46
C VAL A 124 -8.11 11.96 11.35
N ASP A 125 -8.66 10.93 10.69
CA ASP A 125 -8.00 10.31 9.55
C ASP A 125 -7.61 11.32 8.49
N LYS A 126 -8.43 12.35 8.27
CA LYS A 126 -8.03 13.42 7.36
C LYS A 126 -6.83 14.21 7.84
N LEU A 127 -6.82 14.60 9.10
CA LEU A 127 -5.60 15.16 9.72
C LEU A 127 -4.38 14.23 9.56
N LEU A 128 -4.51 12.98 9.99
CA LEU A 128 -3.36 12.04 9.80
C LEU A 128 -2.85 11.86 8.36
N SER A 129 -3.76 11.82 7.37
CA SER A 129 -3.42 11.75 5.94
C SER A 129 -2.61 12.94 5.48
N ALA A 130 -3.04 14.14 5.88
CA ALA A 130 -2.27 15.36 5.59
C ALA A 130 -0.89 15.35 6.28
N ILE A 131 -0.83 14.79 7.49
CA ILE A 131 0.43 14.68 8.17
C ILE A 131 1.33 13.70 7.39
N SER A 132 0.84 12.47 7.11
CA SER A 132 1.58 11.51 6.29
C SER A 132 2.08 12.11 5.01
N SER A 133 1.24 12.90 4.36
CA SER A 133 1.66 13.51 3.10
C SER A 133 2.88 14.43 3.29
N GLU A 134 2.78 15.36 4.22
CA GLU A 134 3.89 16.24 4.50
C GLU A 134 5.17 15.49 4.93
N LEU A 135 5.05 14.53 5.86
CA LEU A 135 6.19 13.75 6.31
C LEU A 135 6.86 12.92 5.20
N SER A 136 6.09 12.55 4.16
CA SER A 136 6.57 11.85 2.96
C SER A 136 7.05 12.74 1.83
N SER A 137 7.15 14.04 2.08
CA SER A 137 7.33 15.00 0.96
C SER A 137 8.76 15.45 0.63
N LYS A 138 9.74 15.11 1.46
CA LYS A 138 11.11 15.63 1.30
C LYS A 138 12.13 14.51 1.19
N TYR A 139 11.70 13.41 0.56
CA TYR A 139 12.59 12.27 0.35
C TYR A 139 13.53 12.38 -0.88
N ARG A 140 13.05 13.03 -1.95
CA ARG A 140 13.71 12.97 -3.27
C ARG A 140 13.40 14.14 -4.18
N VAL B 1 -1.32 -21.22 7.07
CA VAL B 1 -1.33 -20.34 8.27
C VAL B 1 -1.38 -21.25 9.48
N HIS B 2 -0.46 -21.05 10.43
CA HIS B 2 -0.51 -21.68 11.76
C HIS B 2 -1.10 -20.69 12.81
N TRP B 3 -1.89 -21.22 13.77
CA TRP B 3 -2.57 -20.46 14.81
C TRP B 3 -2.18 -20.85 16.25
N THR B 4 -1.94 -19.89 17.13
CA THR B 4 -1.80 -20.23 18.54
C THR B 4 -3.21 -20.51 19.14
N GLN B 5 -3.30 -21.21 20.27
CA GLN B 5 -4.59 -21.39 20.96
C GLN B 5 -5.21 -20.07 21.42
N GLU B 6 -4.40 -19.09 21.83
CA GLU B 6 -4.95 -17.80 22.24
C GLU B 6 -5.60 -17.13 21.03
N GLU B 7 -5.01 -17.24 19.84
CA GLU B 7 -5.61 -16.70 18.59
C GLU B 7 -6.93 -17.37 18.28
N ARG B 8 -6.92 -18.71 18.29
CA ARG B 8 -8.20 -19.39 18.09
C ARG B 8 -9.24 -18.98 19.10
N ASP B 9 -8.83 -18.89 20.37
CA ASP B 9 -9.79 -18.67 21.44
C ASP B 9 -10.29 -17.23 21.36
N GLU B 10 -9.38 -16.34 21.06
CA GLU B 10 -9.77 -14.92 21.05
C GLU B 10 -10.87 -14.72 19.98
N ILE B 11 -10.61 -15.20 18.78
CA ILE B 11 -11.59 -15.13 17.66
C ILE B 11 -12.84 -15.89 18.00
N VAL B 12 -12.68 -17.13 18.49
CA VAL B 12 -13.83 -18.02 18.61
C VAL B 12 -14.79 -17.52 19.66
N LYS B 13 -14.24 -17.12 20.79
CA LYS B 13 -15.07 -16.60 21.92
C LYS B 13 -15.79 -15.31 21.53
N THR B 14 -15.10 -14.46 20.79
CA THR B 14 -15.71 -13.21 20.29
C THR B 14 -16.96 -13.50 19.42
N PHE B 15 -16.83 -14.39 18.43
CA PHE B 15 -17.96 -14.76 17.58
C PHE B 15 -19.07 -15.50 18.34
N PHE B 16 -18.69 -16.22 19.38
CA PHE B 16 -19.64 -16.94 20.17
C PHE B 16 -20.58 -16.00 20.95
N SER B 17 -20.07 -14.90 21.54
CA SER B 17 -20.87 -14.12 22.53
C SER B 17 -21.08 -12.68 22.11
N ALA B 18 -20.20 -12.15 21.27
CA ALA B 18 -20.43 -10.76 20.83
C ALA B 18 -21.59 -10.66 19.82
N ASN B 19 -22.16 -9.46 19.73
CA ASN B 19 -23.21 -9.22 18.75
C ASN B 19 -22.48 -8.84 17.47
N SER B 20 -21.98 -9.86 16.77
CA SER B 20 -21.21 -9.67 15.52
C SER B 20 -21.99 -9.02 14.35
N SER B 21 -23.30 -9.24 14.24
CA SER B 21 -24.08 -8.55 13.20
C SER B 21 -24.12 -7.02 13.43
N ALA B 22 -24.32 -6.63 14.69
CA ALA B 22 -24.30 -5.23 15.11
C ALA B 22 -22.92 -4.58 14.91
N ILE B 23 -21.85 -5.28 15.31
CA ILE B 23 -20.50 -4.91 14.90
C ILE B 23 -20.36 -4.72 13.36
N GLY B 24 -20.78 -5.71 12.56
CA GLY B 24 -20.70 -5.63 11.10
C GLY B 24 -21.49 -4.46 10.53
N THR B 25 -22.66 -4.23 11.12
CA THR B 25 -23.53 -3.14 10.68
C THR B 25 -22.78 -1.80 10.88
N LYS B 26 -22.29 -1.55 12.09
CA LYS B 26 -21.48 -0.35 12.37
C LYS B 26 -20.22 -0.29 11.55
N ALA B 27 -19.55 -1.44 11.35
CA ALA B 27 -18.29 -1.40 10.54
C ALA B 27 -18.54 -0.95 9.08
N LEU B 28 -19.57 -1.53 8.46
CA LEU B 28 -20.01 -1.15 7.14
C LEU B 28 -20.33 0.35 7.06
N GLU B 29 -21.12 0.82 8.04
CA GLU B 29 -21.54 2.23 8.12
C GLU B 29 -20.33 3.14 8.25
N ARG B 30 -19.40 2.75 9.11
CA ARG B 30 -18.17 3.44 9.26
C ARG B 30 -17.37 3.52 7.99
N MET B 31 -17.23 2.38 7.33
CA MET B 31 -16.44 2.29 6.10
C MET B 31 -17.01 3.26 5.05
N PHE B 32 -18.34 3.38 5.00
CA PHE B 32 -18.97 4.38 4.10
C PHE B 32 -18.63 5.83 4.35
N VAL B 33 -18.40 6.22 5.61
CA VAL B 33 -18.18 7.60 5.99
C VAL B 33 -16.69 7.81 5.85
N VAL B 34 -15.89 6.85 6.36
CA VAL B 34 -14.43 7.01 6.34
C VAL B 34 -13.85 6.83 4.93
N PHE B 35 -14.41 5.89 4.15
CA PHE B 35 -14.01 5.60 2.77
C PHE B 35 -15.20 5.61 1.79
N PRO B 36 -15.74 6.82 1.44
CA PRO B 36 -17.02 6.95 0.69
C PRO B 36 -17.09 6.25 -0.65
N TRP B 37 -15.92 6.05 -1.25
CA TRP B 37 -15.93 5.47 -2.57
C TRP B 37 -16.41 4.06 -2.45
N THR B 38 -16.36 3.49 -1.25
CA THR B 38 -16.83 2.09 -1.03
C THR B 38 -18.35 1.94 -1.05
N ASN B 39 -19.08 3.04 -0.95
CA ASN B 39 -20.54 2.99 -1.08
C ASN B 39 -21.01 2.74 -2.53
N ALA B 40 -20.10 2.75 -3.49
CA ALA B 40 -20.43 2.68 -4.92
C ALA B 40 -21.10 1.39 -5.27
N TYR B 41 -20.82 0.34 -4.50
CA TYR B 41 -21.37 -0.98 -4.80
C TYR B 41 -22.79 -1.11 -4.28
N PHE B 42 -23.19 -0.17 -3.43
CA PHE B 42 -24.48 -0.31 -2.79
C PHE B 42 -25.55 0.66 -3.33
N ALA B 43 -25.16 1.51 -4.30
CA ALA B 43 -26.15 2.26 -5.13
C ALA B 43 -26.98 1.28 -5.99
N LYS B 44 -26.30 0.23 -6.41
CA LYS B 44 -26.70 -0.71 -7.45
C LYS B 44 -27.87 -1.60 -7.02
N PHE B 48 -31.85 -0.86 0.15
CA PHE B 48 -30.56 -1.19 0.81
C PHE B 48 -30.49 -0.85 2.30
N SER B 49 -30.11 -1.87 3.09
CA SER B 49 -29.88 -1.78 4.53
C SER B 49 -28.47 -2.29 4.88
N ALA B 50 -27.68 -1.43 5.53
CA ALA B 50 -26.32 -1.80 6.03
C ALA B 50 -26.40 -3.07 6.90
N SER B 51 -27.48 -3.11 7.68
CA SER B 51 -27.72 -4.16 8.63
C SER B 51 -27.89 -5.47 7.88
N ILE B 52 -28.69 -5.45 6.81
CA ILE B 52 -28.84 -6.66 5.97
C ILE B 52 -27.52 -7.12 5.39
N HIS B 53 -26.70 -6.15 4.99
CA HIS B 53 -25.47 -6.55 4.35
C HIS B 53 -24.50 -7.16 5.35
N ALA B 54 -24.50 -6.61 6.57
CA ALA B 54 -23.65 -7.11 7.66
C ALA B 54 -23.93 -8.56 8.02
N ALA B 55 -25.21 -8.92 7.93
CA ALA B 55 -25.64 -10.29 8.16
C ALA B 55 -25.01 -11.27 7.16
N ILE B 56 -24.89 -10.84 5.90
CA ILE B 56 -24.21 -11.63 4.89
C ILE B 56 -22.72 -11.81 5.26
N VAL B 57 -22.03 -10.69 5.46
CA VAL B 57 -20.58 -10.69 5.74
C VAL B 57 -20.28 -11.54 6.97
N VAL B 58 -21.06 -11.32 8.03
CA VAL B 58 -20.89 -12.00 9.29
C VAL B 58 -21.06 -13.49 9.20
N GLY B 59 -22.05 -13.94 8.42
CA GLY B 59 -22.15 -15.38 8.11
C GLY B 59 -20.88 -15.91 7.52
N ALA B 60 -20.35 -15.22 6.52
CA ALA B 60 -19.05 -15.66 5.94
C ALA B 60 -17.87 -15.66 6.94
N LEU B 61 -17.80 -14.65 7.80
CA LEU B 61 -16.76 -14.57 8.83
C LEU B 61 -16.89 -15.78 9.76
N GLN B 62 -18.13 -16.05 10.19
CA GLN B 62 -18.39 -17.20 11.02
C GLN B 62 -17.96 -18.50 10.31
N ASP B 63 -18.17 -18.57 8.99
CA ASP B 63 -17.70 -19.71 8.18
C ASP B 63 -16.17 -19.88 8.22
N ALA B 64 -15.46 -18.75 8.18
CA ALA B 64 -13.99 -18.74 8.35
C ALA B 64 -13.61 -19.11 9.77
N VAL B 65 -14.39 -18.62 10.74
CA VAL B 65 -14.19 -18.97 12.13
C VAL B 65 -14.28 -20.48 12.33
N LYS B 66 -15.36 -21.10 11.79
CA LYS B 66 -15.58 -22.55 12.00
C LYS B 66 -14.52 -23.40 11.35
N HIS B 67 -13.63 -22.78 10.58
CA HIS B 67 -12.67 -23.49 9.73
C HIS B 67 -11.38 -22.72 9.57
N GLU B 68 -10.88 -22.17 10.67
CA GLU B 68 -9.65 -21.38 10.74
C GLU B 68 -8.47 -21.89 9.93
N ASP B 69 -8.40 -23.21 9.73
CA ASP B 69 -7.30 -23.84 8.97
C ASP B 69 -7.57 -24.03 7.45
N ASP B 70 -8.81 -23.86 7.02
CA ASP B 70 -9.13 -24.07 5.61
C ASP B 70 -9.95 -22.93 5.02
N VAL B 71 -9.70 -21.68 5.39
CA VAL B 71 -10.61 -20.61 4.98
C VAL B 71 -10.63 -20.49 3.45
N LYS B 72 -9.47 -20.48 2.84
CA LYS B 72 -9.27 -20.35 1.41
C LYS B 72 -10.28 -21.27 0.68
N ALA B 73 -10.20 -22.57 0.99
CA ALA B 73 -11.12 -23.59 0.45
C ALA B 73 -12.65 -23.31 0.64
N GLU B 74 -13.05 -22.58 1.69
CA GLU B 74 -14.49 -22.33 1.91
C GLU B 74 -14.94 -21.06 1.20
N PHE B 75 -13.99 -20.30 0.70
CA PHE B 75 -14.34 -19.02 0.16
C PHE B 75 -14.35 -18.99 -1.39
N VAL B 76 -14.12 -20.13 -2.02
CA VAL B 76 -14.04 -20.21 -3.51
C VAL B 76 -15.22 -19.54 -4.19
N ASN B 77 -16.42 -19.98 -3.84
CA ASN B 77 -17.62 -19.46 -4.46
C ASN B 77 -17.89 -18.01 -4.04
N ILE B 78 -17.56 -17.67 -2.79
CA ILE B 78 -17.73 -16.29 -2.31
C ILE B 78 -16.82 -15.38 -3.13
N SER B 79 -15.60 -15.82 -3.31
CA SER B 79 -14.60 -14.98 -3.97
C SER B 79 -14.93 -14.74 -5.47
N LYS B 80 -15.26 -15.83 -6.20
CA LYS B 80 -15.70 -15.75 -7.59
C LYS B 80 -16.85 -14.74 -7.80
N ALA B 81 -17.81 -14.73 -6.85
CA ALA B 81 -18.97 -13.87 -6.88
C ALA B 81 -18.52 -12.40 -6.81
N HIS B 82 -17.55 -12.16 -5.92
CA HIS B 82 -17.02 -10.81 -5.76
C HIS B 82 -16.19 -10.35 -6.96
N ALA B 83 -15.39 -11.27 -7.51
CA ALA B 83 -14.58 -10.93 -8.70
C ALA B 83 -15.43 -10.85 -10.03
N ASP B 84 -16.26 -11.87 -10.25
CA ASP B 84 -16.83 -12.23 -11.57
C ASP B 84 -18.24 -11.70 -11.76
N LYS B 85 -18.99 -11.48 -10.68
CA LYS B 85 -20.37 -11.03 -10.80
C LYS B 85 -20.57 -9.63 -10.24
N LEU B 86 -19.94 -9.36 -9.10
CA LEU B 86 -20.18 -8.13 -8.34
C LEU B 86 -19.14 -7.02 -8.64
N HIS B 87 -17.97 -7.41 -9.14
CA HIS B 87 -16.97 -6.42 -9.57
C HIS B 87 -16.52 -5.52 -8.43
N ILE B 88 -16.23 -6.17 -7.29
CA ILE B 88 -15.65 -5.49 -6.15
C ILE B 88 -14.14 -5.40 -6.28
N ASP B 89 -13.63 -4.21 -6.09
CA ASP B 89 -12.16 -4.00 -6.11
C ASP B 89 -11.57 -4.70 -4.90
N PRO B 90 -10.66 -5.67 -5.07
CA PRO B 90 -10.17 -6.42 -3.88
C PRO B 90 -9.30 -5.56 -2.95
N GLY B 91 -8.80 -4.45 -3.49
CA GLY B 91 -8.00 -3.50 -2.73
C GLY B 91 -8.79 -2.75 -1.71
N SER B 92 -10.12 -2.84 -1.84
CA SER B 92 -11.06 -2.26 -0.90
C SER B 92 -11.53 -3.25 0.21
N PHE B 93 -11.28 -4.54 0.04
CA PHE B 93 -11.61 -5.48 1.14
C PHE B 93 -11.10 -5.09 2.55
N HIS B 94 -9.83 -4.71 2.69
CA HIS B 94 -9.30 -4.35 3.99
C HIS B 94 -9.93 -3.07 4.58
N LEU B 95 -10.55 -2.24 3.76
CA LEU B 95 -11.26 -1.06 4.29
C LEU B 95 -12.44 -1.53 5.13
N LEU B 96 -13.09 -2.60 4.71
CA LEU B 96 -14.11 -3.24 5.52
C LEU B 96 -13.54 -3.87 6.77
N THR B 97 -12.54 -4.72 6.62
CA THR B 97 -12.00 -5.42 7.78
C THR B 97 -11.32 -4.44 8.75
N ASP B 98 -10.66 -3.41 8.26
CA ASP B 98 -10.07 -2.38 9.17
C ASP B 98 -11.16 -1.65 9.98
N SER B 99 -12.32 -1.46 9.39
CA SER B 99 -13.42 -0.84 10.11
C SER B 99 -13.96 -1.78 11.18
N PHE B 100 -13.92 -3.08 10.91
CA PHE B 100 -14.33 -4.09 11.83
C PHE B 100 -13.42 -4.02 13.02
N ILE B 101 -12.13 -3.93 12.74
CA ILE B 101 -11.13 -3.83 13.82
C ILE B 101 -11.42 -2.60 14.68
N VAL B 102 -11.74 -1.46 14.03
CA VAL B 102 -12.11 -0.25 14.81
C VAL B 102 -13.34 -0.57 15.68
N GLU B 103 -14.28 -1.40 15.18
CA GLU B 103 -15.50 -1.68 15.95
C GLU B 103 -15.20 -2.67 17.09
N LEU B 104 -14.33 -3.63 16.82
CA LEU B 104 -13.82 -4.50 17.93
C LEU B 104 -13.05 -3.73 19.05
N ALA B 105 -12.27 -2.71 18.68
CA ALA B 105 -11.63 -1.77 19.62
C ALA B 105 -12.67 -1.06 20.52
N HIS B 106 -13.73 -0.58 19.90
CA HIS B 106 -14.81 0.14 20.56
C HIS B 106 -15.54 -0.81 21.55
N LEU B 107 -15.62 -2.10 21.22
CA LEU B 107 -16.33 -3.05 22.10
C LEU B 107 -15.41 -3.46 23.22
N LYS B 108 -14.16 -3.70 22.85
CA LYS B 108 -13.25 -4.38 23.77
C LYS B 108 -12.42 -3.42 24.59
N LYS B 109 -12.34 -2.16 24.18
CA LYS B 109 -11.61 -1.17 25.00
C LYS B 109 -10.22 -1.67 25.36
N VAL B 110 -9.78 -1.50 26.61
CA VAL B 110 -8.40 -1.86 26.95
C VAL B 110 -8.05 -3.34 26.80
N ALA B 111 -9.07 -4.18 26.55
CA ALA B 111 -8.82 -5.61 26.32
C ALA B 111 -8.29 -5.77 24.91
N PHE B 112 -8.64 -4.82 23.99
CA PHE B 112 -8.09 -4.79 22.66
C PHE B 112 -6.60 -4.34 22.70
N THR B 113 -5.76 -5.07 23.40
CA THR B 113 -4.30 -4.80 23.45
C THR B 113 -3.63 -4.83 22.06
N PRO B 114 -2.41 -4.25 21.93
CA PRO B 114 -1.76 -4.35 20.63
C PRO B 114 -1.63 -5.80 20.23
N PHE B 115 -1.50 -6.63 21.22
CA PHE B 115 -1.32 -8.04 20.95
C PHE B 115 -2.61 -8.69 20.40
N VAL B 116 -3.74 -8.34 20.99
CA VAL B 116 -5.04 -8.92 20.59
C VAL B 116 -5.37 -8.27 19.24
N PHE B 117 -5.00 -7.02 19.11
CA PHE B 117 -5.12 -6.31 17.88
C PHE B 117 -4.45 -7.08 16.76
N ALA B 118 -3.24 -7.58 17.00
CA ALA B 118 -2.52 -8.28 15.97
C ALA B 118 -3.19 -9.62 15.64
N VAL B 119 -3.88 -10.23 16.61
CA VAL B 119 -4.64 -11.50 16.35
C VAL B 119 -5.72 -11.17 15.30
N TRP B 120 -6.41 -10.05 15.49
CA TRP B 120 -7.52 -9.69 14.59
C TRP B 120 -6.99 -9.31 13.22
N ILE B 121 -5.91 -8.56 13.17
CA ILE B 121 -5.28 -8.32 11.89
C ILE B 121 -4.87 -9.61 11.17
N LYS B 122 -4.27 -10.55 11.86
CA LYS B 122 -3.91 -11.84 11.25
C LYS B 122 -5.21 -12.53 10.72
N PHE B 123 -6.21 -12.65 11.57
CA PHE B 123 -7.48 -13.23 11.12
C PHE B 123 -8.00 -12.60 9.80
N PHE B 124 -8.11 -11.28 9.76
CA PHE B 124 -8.60 -10.59 8.61
C PHE B 124 -7.77 -10.69 7.32
N GLN B 125 -6.47 -10.78 7.45
CA GLN B 125 -5.61 -10.95 6.29
C GLN B 125 -5.82 -12.37 5.68
N VAL B 126 -5.99 -13.37 6.52
CA VAL B 126 -6.38 -14.70 6.03
C VAL B 126 -7.72 -14.61 5.29
N VAL B 127 -8.68 -13.92 5.88
CA VAL B 127 -9.95 -13.67 5.19
C VAL B 127 -9.75 -12.85 3.90
N ILE B 128 -8.96 -11.79 3.93
CA ILE B 128 -8.74 -11.00 2.70
C ILE B 128 -8.11 -11.90 1.62
N ASP B 129 -7.11 -12.70 2.02
CA ASP B 129 -6.46 -13.54 1.01
C ASP B 129 -7.47 -14.53 0.41
N ALA B 130 -8.32 -15.08 1.26
CA ALA B 130 -9.32 -16.09 0.84
C ALA B 130 -10.35 -15.54 -0.16
N ILE B 131 -10.92 -14.37 0.15
CA ILE B 131 -11.89 -13.74 -0.71
C ILE B 131 -11.25 -13.06 -1.96
N SER B 132 -9.94 -12.84 -1.93
CA SER B 132 -9.19 -12.33 -3.10
C SER B 132 -8.68 -13.39 -4.06
N SER B 133 -8.78 -14.66 -3.70
CA SER B 133 -8.02 -15.71 -4.40
C SER B 133 -8.50 -15.97 -5.84
N GLN B 134 -9.78 -15.71 -6.12
CA GLN B 134 -10.29 -15.94 -7.46
C GLN B 134 -10.32 -14.72 -8.36
N TYR B 135 -9.64 -13.65 -7.97
CA TYR B 135 -9.56 -12.51 -8.92
C TYR B 135 -8.47 -12.85 -9.92
N HIS B 136 -8.81 -12.83 -11.19
CA HIS B 136 -7.83 -13.22 -12.19
C HIS B 136 -7.71 -12.16 -13.24
N ALA C 1 9.00 20.43 -5.90
CA ALA C 1 10.47 20.19 -5.88
C ALA C 1 10.89 19.48 -7.17
N PHE C 2 10.94 20.26 -8.25
CA PHE C 2 11.53 19.85 -9.51
C PHE C 2 12.74 20.74 -9.85
N THR C 3 13.93 20.13 -9.78
CA THR C 3 15.15 20.76 -10.27
C THR C 3 15.01 21.05 -11.75
N GLY C 4 15.72 22.04 -12.28
CA GLY C 4 15.64 22.33 -13.71
C GLY C 4 15.93 21.15 -14.66
N VAL C 5 16.82 20.25 -14.22
CA VAL C 5 17.15 19.04 -14.96
C VAL C 5 15.93 18.11 -14.94
N GLU C 6 15.26 18.01 -13.79
CA GLU C 6 14.07 17.20 -13.75
C GLU C 6 13.00 17.81 -14.66
N ARG C 7 12.83 19.13 -14.59
CA ARG C 7 11.82 19.81 -15.44
C ARG C 7 12.05 19.56 -16.92
N SER C 8 13.32 19.60 -17.31
CA SER C 8 13.73 19.43 -18.70
C SER C 8 13.48 17.98 -19.17
N THR C 9 13.92 17.00 -18.37
CA THR C 9 13.67 15.59 -18.67
C THR C 9 12.15 15.28 -18.76
N ILE C 10 11.37 15.73 -17.77
CA ILE C 10 9.89 15.60 -17.79
C ILE C 10 9.29 16.17 -19.08
N GLY C 11 9.77 17.36 -19.46
CA GLY C 11 9.36 18.03 -20.72
C GLY C 11 9.65 17.13 -21.90
N ALA C 12 10.82 16.47 -21.88
CA ALA C 12 11.24 15.59 -22.97
C ALA C 12 10.38 14.35 -23.07
N ILE C 13 10.16 13.69 -21.94
CA ILE C 13 9.25 12.56 -21.84
C ILE C 13 7.82 12.94 -22.25
N ALA C 14 7.34 14.12 -21.84
CA ALA C 14 5.98 14.59 -22.23
C ALA C 14 5.72 14.72 -23.73
N LYS C 15 6.72 15.18 -24.48
CA LYS C 15 6.67 15.25 -25.95
C LYS C 15 6.67 13.88 -26.62
N ILE C 16 7.46 12.96 -26.08
CA ILE C 16 7.42 11.57 -26.51
C ILE C 16 6.03 10.99 -26.34
N LEU C 17 5.51 11.05 -25.10
CA LEU C 17 4.21 10.49 -24.83
C LEU C 17 3.16 11.17 -25.72
N ALA C 18 3.32 12.48 -25.95
CA ALA C 18 2.36 13.24 -26.73
C ALA C 18 2.20 12.74 -28.17
N SER C 19 3.26 12.09 -28.68
CA SER C 19 3.23 11.58 -30.05
C SER C 19 2.32 10.37 -30.25
N THR C 20 2.16 9.54 -29.21
CA THR C 20 1.45 8.25 -29.31
C THR C 20 0.68 7.94 -28.00
N PRO C 21 -0.24 8.85 -27.58
CA PRO C 21 -0.86 8.67 -26.24
C PRO C 21 -1.63 7.36 -26.08
N GLU C 22 -2.44 6.97 -27.05
CA GLU C 22 -3.20 5.73 -27.00
C GLU C 22 -2.34 4.51 -26.95
N ALA C 23 -1.29 4.48 -27.77
CA ALA C 23 -0.28 3.42 -27.71
C ALA C 23 0.29 3.20 -26.32
N TYR C 24 0.88 4.24 -25.76
CA TYR C 24 1.45 4.22 -24.41
C TYR C 24 0.41 3.95 -23.34
N GLY C 25 -0.74 4.66 -23.39
CA GLY C 25 -1.78 4.49 -22.34
C GLY C 25 -2.45 3.14 -22.40
N ALA C 26 -2.75 2.64 -23.59
CA ALA C 26 -3.35 1.30 -23.68
C ALA C 26 -2.39 0.22 -23.13
N GLU C 27 -1.10 0.34 -23.46
CA GLU C 27 -0.11 -0.59 -22.89
C GLU C 27 0.02 -0.52 -21.35
N ALA C 28 0.08 0.69 -20.80
CA ALA C 28 0.14 0.90 -19.34
C ALA C 28 -1.09 0.33 -18.61
N LEU C 29 -2.25 0.48 -19.25
CA LEU C 29 -3.53 -0.13 -18.71
C LEU C 29 -3.51 -1.63 -18.80
N ALA C 30 -3.09 -2.20 -19.95
CA ALA C 30 -3.03 -3.69 -20.06
C ALA C 30 -2.06 -4.25 -19.02
N ARG C 31 -1.00 -3.49 -18.77
CA ARG C 31 -0.10 -3.84 -17.69
C ARG C 31 -0.82 -3.79 -16.34
N LEU C 32 -1.52 -2.70 -16.05
CA LEU C 32 -2.29 -2.65 -14.79
C LEU C 32 -3.20 -3.90 -14.64
N PHE C 33 -3.92 -4.24 -15.69
CA PHE C 33 -4.92 -5.35 -15.58
C PHE C 33 -4.24 -6.69 -15.42
N ALA C 34 -3.09 -6.84 -16.10
CA ALA C 34 -2.35 -8.08 -16.06
C ALA C 34 -1.68 -8.24 -14.70
N THR C 35 -1.11 -7.17 -14.17
CA THR C 35 -0.36 -7.28 -12.92
C THR C 35 -1.27 -7.18 -11.68
N HIS C 36 -2.42 -6.50 -11.82
CA HIS C 36 -3.30 -6.12 -10.69
C HIS C 36 -4.74 -6.28 -11.17
N PRO C 37 -5.15 -7.52 -11.37
CA PRO C 37 -6.45 -7.77 -12.03
C PRO C 37 -7.65 -7.22 -11.26
N GLY C 38 -7.42 -6.86 -9.98
CA GLY C 38 -8.43 -6.23 -9.13
C GLY C 38 -8.84 -4.93 -9.77
N ALA C 39 -7.91 -4.30 -10.50
CA ALA C 39 -8.22 -3.07 -11.25
C ALA C 39 -9.32 -3.30 -12.34
N LYS C 40 -9.46 -4.51 -12.88
CA LYS C 40 -10.52 -4.70 -13.89
C LYS C 40 -11.95 -4.38 -13.39
N SER C 41 -12.17 -4.54 -12.08
CA SER C 41 -13.47 -4.26 -11.43
C SER C 41 -14.19 -2.96 -11.87
N TYR C 42 -13.40 -1.94 -12.24
CA TYR C 42 -13.98 -0.66 -12.68
C TYR C 42 -14.49 -0.57 -14.12
N PHE C 43 -14.13 -1.56 -14.92
CA PHE C 43 -14.22 -1.42 -16.37
C PHE C 43 -15.09 -2.54 -16.88
N ASP C 44 -16.17 -2.17 -17.55
CA ASP C 44 -16.99 -3.21 -18.18
C ASP C 44 -16.49 -3.45 -19.60
N TYR C 45 -15.38 -4.15 -19.69
CA TYR C 45 -14.76 -4.40 -20.97
C TYR C 45 -14.92 -5.85 -21.39
N ALA C 46 -14.75 -6.13 -22.67
CA ALA C 46 -14.63 -7.50 -23.09
C ALA C 46 -13.18 -7.86 -23.33
N ASP C 47 -12.38 -6.86 -23.67
CA ASP C 47 -10.96 -7.05 -23.99
C ASP C 47 -10.14 -6.09 -23.11
N TYR C 48 -9.29 -6.68 -22.27
CA TYR C 48 -8.44 -5.94 -21.33
C TYR C 48 -6.97 -5.79 -21.75
N SER C 49 -6.62 -6.29 -22.94
CA SER C 49 -5.27 -6.16 -23.55
C SER C 49 -5.23 -4.81 -24.27
N ALA C 50 -4.04 -4.40 -24.72
CA ALA C 50 -3.83 -3.08 -25.31
C ALA C 50 -4.57 -2.97 -26.65
N ALA C 51 -5.01 -4.14 -27.15
CA ALA C 51 -5.85 -4.22 -28.34
C ALA C 51 -7.33 -3.83 -28.08
N GLY C 52 -7.76 -3.75 -26.82
CA GLY C 52 -9.15 -3.39 -26.49
C GLY C 52 -9.49 -1.97 -26.91
N ALA C 53 -10.63 -1.76 -27.58
CA ALA C 53 -10.98 -0.39 -28.04
C ALA C 53 -11.22 0.54 -26.86
N LYS C 54 -11.92 0.05 -25.83
CA LYS C 54 -12.13 0.88 -24.64
C LYS C 54 -10.84 1.07 -23.82
N VAL C 55 -9.96 0.07 -23.78
CA VAL C 55 -8.61 0.27 -23.21
C VAL C 55 -7.89 1.46 -23.92
N GLN C 56 -7.90 1.44 -25.25
CA GLN C 56 -7.22 2.48 -26.06
C GLN C 56 -7.80 3.85 -25.76
N LEU C 57 -9.13 3.94 -25.67
CA LEU C 57 -9.77 5.23 -25.39
C LEU C 57 -9.41 5.81 -24.02
N HIS C 58 -9.55 5.02 -22.92
CA HIS C 58 -9.14 5.48 -21.61
C HIS C 58 -7.63 5.72 -21.63
N GLY C 59 -6.90 4.81 -22.28
CA GLY C 59 -5.43 4.96 -22.36
C GLY C 59 -5.00 6.31 -22.88
N GLY C 60 -5.59 6.73 -24.01
CA GLY C 60 -5.24 8.02 -24.59
C GLY C 60 -5.54 9.16 -23.64
N LYS C 61 -6.71 9.12 -23.00
CA LYS C 61 -7.18 10.15 -22.04
C LYS C 61 -6.19 10.25 -20.87
N VAL C 62 -5.82 9.07 -20.33
CA VAL C 62 -4.82 9.06 -19.24
C VAL C 62 -3.52 9.80 -19.62
N ILE C 63 -2.95 9.40 -20.75
CA ILE C 63 -1.64 9.90 -21.15
C ILE C 63 -1.74 11.37 -21.55
N ARG C 64 -2.77 11.75 -22.29
CA ARG C 64 -2.86 13.20 -22.57
C ARG C 64 -2.94 14.04 -21.29
N ALA C 65 -3.65 13.51 -20.27
CA ALA C 65 -3.75 14.25 -18.98
C ALA C 65 -2.40 14.34 -18.26
N VAL C 66 -1.58 13.30 -18.40
CA VAL C 66 -0.21 13.31 -17.87
C VAL C 66 0.61 14.39 -18.60
N VAL C 67 0.50 14.40 -19.92
CA VAL C 67 1.18 15.37 -20.76
C VAL C 67 0.81 16.82 -20.34
N SER C 68 -0.48 17.05 -20.15
CA SER C 68 -0.98 18.34 -19.76
C SER C 68 -0.57 18.70 -18.33
N ALA C 69 -0.54 17.71 -17.42
CA ALA C 69 0.00 17.91 -16.07
C ALA C 69 1.45 18.33 -16.10
N ALA C 70 2.22 17.71 -16.99
CA ALA C 70 3.63 18.07 -17.15
C ALA C 70 3.83 19.57 -17.46
N GLU C 71 2.79 20.26 -17.95
CA GLU C 71 2.80 21.73 -18.14
C GLU C 71 2.36 22.54 -16.92
N HIS C 72 2.00 21.86 -15.83
CA HIS C 72 1.50 22.53 -14.64
C HIS C 72 2.29 22.18 -13.37
N ASP C 73 3.57 21.84 -13.54
CA ASP C 73 4.41 21.37 -12.40
C ASP C 73 4.31 22.31 -11.17
N ASP C 74 4.00 23.58 -11.40
CA ASP C 74 3.88 24.52 -10.30
C ASP C 74 2.47 24.72 -9.75
N ASP C 75 1.46 24.14 -10.39
CA ASP C 75 0.08 24.30 -9.90
C ASP C 75 -0.78 23.09 -10.26
N LEU C 76 -0.35 21.94 -9.75
CA LEU C 76 -0.97 20.67 -10.03
C LEU C 76 -2.23 20.50 -9.21
N HIS C 77 -2.23 21.05 -8.00
CA HIS C 77 -3.42 21.02 -7.14
C HIS C 77 -4.64 21.63 -7.87
N ALA C 78 -4.49 22.90 -8.30
CA ALA C 78 -5.55 23.57 -9.03
C ALA C 78 -5.83 22.83 -10.36
N HIS C 79 -4.76 22.38 -11.01
CA HIS C 79 -4.86 21.85 -12.37
C HIS C 79 -5.62 20.52 -12.42
N LEU C 80 -5.40 19.66 -11.44
CA LEU C 80 -5.93 18.29 -11.43
C LEU C 80 -7.24 18.16 -10.63
N MET C 81 -7.78 19.28 -10.18
CA MET C 81 -8.95 19.26 -9.30
C MET C 81 -10.19 18.61 -9.93
N VAL C 82 -10.50 18.93 -11.18
CA VAL C 82 -11.66 18.37 -11.91
C VAL C 82 -11.49 16.85 -12.05
N LEU C 83 -10.28 16.43 -12.45
CA LEU C 83 -9.98 15.01 -12.57
C LEU C 83 -10.07 14.28 -11.23
N ALA C 84 -9.55 14.91 -10.19
CA ALA C 84 -9.66 14.42 -8.81
C ALA C 84 -11.14 14.27 -8.39
N VAL C 85 -11.99 15.25 -8.73
CA VAL C 85 -13.43 15.18 -8.43
C VAL C 85 -14.06 14.07 -9.25
N THR C 86 -13.72 14.00 -10.54
CA THR C 86 -14.30 12.98 -11.39
C THR C 86 -13.96 11.57 -10.86
N HIS C 87 -12.68 11.32 -10.62
CA HIS C 87 -12.27 10.00 -10.16
C HIS C 87 -12.77 9.70 -8.75
N GLY C 88 -12.74 10.72 -7.89
CA GLY C 88 -13.06 10.53 -6.48
C GLY C 88 -14.55 10.44 -6.16
N LYS C 89 -15.34 11.29 -6.83
CA LYS C 89 -16.75 11.41 -6.49
C LYS C 89 -17.72 10.74 -7.46
N LYS C 90 -17.34 10.66 -8.74
CA LYS C 90 -18.23 10.05 -9.71
C LYS C 90 -17.85 8.59 -9.98
N LEU C 91 -16.59 8.37 -10.25
CA LEU C 91 -16.15 7.06 -10.66
C LEU C 91 -15.88 6.22 -9.43
N LEU C 92 -15.50 6.89 -8.34
CA LEU C 92 -15.37 6.31 -7.03
C LEU C 92 -14.26 5.24 -7.10
N VAL C 93 -13.15 5.67 -7.68
CA VAL C 93 -11.97 4.82 -7.78
C VAL C 93 -11.18 4.71 -6.49
N ASP C 94 -10.98 3.47 -6.02
CA ASP C 94 -10.17 3.31 -4.80
C ASP C 94 -8.75 3.82 -5.09
N PRO C 95 -8.25 4.80 -4.32
CA PRO C 95 -6.99 5.52 -4.58
C PRO C 95 -5.73 4.66 -4.63
N SER C 96 -5.77 3.49 -4.00
CA SER C 96 -4.68 2.57 -4.09
C SER C 96 -4.34 2.14 -5.52
N ASN C 97 -5.28 2.33 -6.43
CA ASN C 97 -5.06 2.04 -7.82
C ASN C 97 -4.10 3.01 -8.49
N PHE C 98 -3.99 4.23 -7.97
CA PHE C 98 -3.22 5.19 -8.68
C PHE C 98 -1.74 4.88 -8.74
N PRO C 99 -1.09 4.56 -7.60
CA PRO C 99 0.32 4.16 -7.74
C PRO C 99 0.54 2.91 -8.57
N MET C 100 -0.43 1.99 -8.61
CA MET C 100 -0.27 0.76 -9.42
C MET C 100 -0.17 1.17 -10.88
N LEU C 101 -1.12 2.00 -11.33
CA LEU C 101 -1.02 2.56 -12.66
C LEU C 101 0.25 3.32 -12.92
N SER C 102 0.67 4.21 -12.00
CA SER C 102 1.90 4.93 -12.18
C SER C 102 3.11 4.04 -12.52
N GLU C 103 3.25 2.97 -11.73
CA GLU C 103 4.36 2.06 -11.92
C GLU C 103 4.27 1.39 -13.28
N CYS C 104 3.05 1.07 -13.71
CA CYS C 104 2.78 0.51 -15.02
C CYS C 104 3.13 1.48 -16.15
N ILE C 105 2.89 2.78 -15.98
CA ILE C 105 3.36 3.73 -16.97
C ILE C 105 4.89 3.82 -16.97
N LEU C 106 5.53 3.74 -15.78
CA LEU C 106 6.98 3.76 -15.76
C LEU C 106 7.54 2.55 -16.51
N VAL C 107 7.03 1.36 -16.22
CA VAL C 107 7.50 0.14 -16.95
C VAL C 107 7.34 0.29 -18.47
N THR C 108 6.19 0.82 -18.86
CA THR C 108 5.90 1.05 -20.29
C THR C 108 6.99 1.94 -20.92
N LEU C 109 7.35 3.04 -20.26
CA LEU C 109 8.41 3.90 -20.74
C LEU C 109 9.73 3.17 -20.85
N ALA C 110 10.02 2.33 -19.84
CA ALA C 110 11.28 1.59 -19.78
C ALA C 110 11.42 0.60 -20.94
N THR C 111 10.30 0.02 -21.41
CA THR C 111 10.36 -0.87 -22.55
C THR C 111 10.50 -0.10 -23.90
N HIS C 112 10.16 1.19 -23.95
CA HIS C 112 10.21 1.94 -25.20
C HIS C 112 11.30 3.00 -25.37
N LEU C 113 11.73 3.64 -24.27
CA LEU C 113 12.49 4.90 -24.43
C LEU C 113 13.92 4.59 -24.74
N ALA C 114 14.48 5.49 -25.57
CA ALA C 114 15.86 5.45 -25.98
C ALA C 114 16.81 5.69 -24.78
N GLU C 115 16.30 6.24 -23.66
CA GLU C 115 17.15 6.52 -22.48
C GLU C 115 16.26 6.53 -21.23
N PHE C 116 16.50 5.62 -20.27
CA PHE C 116 15.60 5.65 -19.06
C PHE C 116 16.42 5.53 -17.79
N SER C 117 17.34 6.48 -17.65
CA SER C 117 18.24 6.48 -16.52
C SER C 117 17.51 6.60 -15.18
N PRO C 118 18.17 6.16 -14.10
CA PRO C 118 17.60 6.28 -12.76
C PRO C 118 17.21 7.75 -12.51
N ALA C 119 18.03 8.66 -13.01
CA ALA C 119 17.70 10.10 -12.84
C ALA C 119 16.38 10.46 -13.52
N THR C 120 16.17 9.97 -14.74
CA THR C 120 14.96 10.27 -15.56
C THR C 120 13.72 9.60 -14.99
N HIS C 121 13.89 8.33 -14.64
CA HIS C 121 12.88 7.54 -13.95
C HIS C 121 12.39 8.26 -12.67
N CYS C 122 13.33 8.67 -11.78
CA CYS C 122 13.01 9.51 -10.63
C CYS C 122 12.22 10.78 -10.99
N ALA C 123 12.69 11.51 -11.97
CA ALA C 123 11.94 12.73 -12.39
C ALA C 123 10.46 12.41 -12.74
N VAL C 124 10.23 11.34 -13.50
CA VAL C 124 8.91 10.97 -13.90
C VAL C 124 8.12 10.44 -12.74
N ASP C 125 8.76 9.63 -11.87
CA ASP C 125 8.02 9.04 -10.80
C ASP C 125 7.49 10.18 -9.88
N LYS C 126 8.32 11.23 -9.71
CA LYS C 126 7.92 12.33 -8.84
C LYS C 126 6.68 13.04 -9.39
N LEU C 127 6.71 13.30 -10.71
CA LEU C 127 5.50 13.77 -11.38
C LEU C 127 4.29 12.87 -11.20
N LEU C 128 4.46 11.59 -11.55
CA LEU C 128 3.35 10.66 -11.36
C LEU C 128 2.79 10.58 -9.93
N SER C 129 3.68 10.60 -8.91
CA SER C 129 3.33 10.60 -7.51
C SER C 129 2.59 11.90 -7.15
N ALA C 130 3.08 13.04 -7.62
CA ALA C 130 2.31 14.29 -7.49
C ALA C 130 0.88 14.16 -8.01
N ILE C 131 0.72 13.56 -9.20
CA ILE C 131 -0.58 13.32 -9.88
C ILE C 131 -1.47 12.40 -9.04
N SER C 132 -0.92 11.25 -8.60
CA SER C 132 -1.61 10.27 -7.72
C SER C 132 -2.17 10.92 -6.45
N SER C 133 -1.32 11.72 -5.80
CA SER C 133 -1.69 12.56 -4.68
C SER C 133 -2.89 13.51 -4.95
N GLU C 134 -2.89 14.22 -6.06
CA GLU C 134 -4.02 15.09 -6.38
C GLU C 134 -5.32 14.30 -6.62
N LEU C 135 -5.19 13.20 -7.34
CA LEU C 135 -6.32 12.36 -7.74
C LEU C 135 -6.93 11.61 -6.55
N SER C 136 -6.14 11.52 -5.49
CA SER C 136 -6.57 10.95 -4.21
C SER C 136 -7.05 12.04 -3.20
N SER C 137 -7.20 13.29 -3.67
CA SER C 137 -7.39 14.43 -2.77
C SER C 137 -8.85 14.84 -2.51
N LYS C 138 -9.82 14.26 -3.20
CA LYS C 138 -11.20 14.80 -3.19
C LYS C 138 -12.19 13.65 -3.02
N TYR C 139 -11.81 12.71 -2.16
CA TYR C 139 -12.68 11.59 -1.84
C TYR C 139 -13.62 11.92 -0.68
N ARG C 140 -13.12 12.73 0.26
CA ARG C 140 -13.77 13.03 1.53
C ARG C 140 -13.28 14.40 2.02
N VAL D 1 1.23 -21.58 -3.72
CA VAL D 1 1.80 -20.87 -4.91
C VAL D 1 1.78 -21.87 -6.05
N HIS D 2 1.00 -21.58 -7.08
CA HIS D 2 0.98 -22.48 -8.23
C HIS D 2 1.43 -21.77 -9.54
N TRP D 3 2.36 -22.41 -10.23
CA TRP D 3 2.99 -21.88 -11.42
C TRP D 3 2.47 -22.50 -12.70
N THR D 4 2.35 -21.70 -13.75
CA THR D 4 2.09 -22.27 -15.04
C THR D 4 3.46 -22.65 -15.58
N GLN D 5 3.50 -23.60 -16.53
CA GLN D 5 4.73 -23.87 -17.24
C GLN D 5 5.34 -22.63 -17.92
N GLU D 6 4.47 -21.79 -18.51
CA GLU D 6 4.94 -20.59 -19.19
C GLU D 6 5.73 -19.75 -18.18
N GLU D 7 5.17 -19.57 -16.98
CA GLU D 7 5.87 -18.85 -15.90
C GLU D 7 7.22 -19.52 -15.54
N ARG D 8 7.23 -20.84 -15.29
CA ARG D 8 8.51 -21.49 -14.98
C ARG D 8 9.55 -21.24 -16.08
N ASP D 9 9.13 -21.35 -17.33
CA ASP D 9 10.03 -21.28 -18.50
C ASP D 9 10.60 -19.86 -18.70
N GLU D 10 9.75 -18.86 -18.55
CA GLU D 10 10.13 -17.43 -18.73
C GLU D 10 11.19 -17.04 -17.71
N ILE D 11 10.94 -17.43 -16.44
CA ILE D 11 11.87 -17.13 -15.35
C ILE D 11 13.17 -17.96 -15.57
N VAL D 12 13.02 -19.26 -15.87
CA VAL D 12 14.21 -20.17 -15.92
C VAL D 12 15.14 -19.83 -17.08
N LYS D 13 14.58 -19.71 -18.26
CA LYS D 13 15.35 -19.35 -19.45
C LYS D 13 16.03 -17.98 -19.30
N THR D 14 15.32 -16.97 -18.79
CA THR D 14 15.97 -15.64 -18.53
C THR D 14 17.24 -15.78 -17.64
N PHE D 15 17.12 -16.51 -16.52
CA PHE D 15 18.22 -16.73 -15.58
C PHE D 15 19.36 -17.46 -16.20
N PHE D 16 19.05 -18.26 -17.21
CA PHE D 16 20.04 -19.04 -17.94
C PHE D 16 20.58 -18.38 -19.20
N SER D 17 20.19 -17.12 -19.44
CA SER D 17 20.61 -16.55 -20.68
C SER D 17 21.03 -15.06 -20.52
N ALA D 18 20.22 -14.34 -19.79
CA ALA D 18 20.47 -12.91 -19.50
C ALA D 18 21.54 -12.79 -18.44
N ASN D 19 22.17 -11.62 -18.33
CA ASN D 19 23.20 -11.49 -17.30
C ASN D 19 22.50 -10.89 -16.08
N SER D 20 21.96 -11.74 -15.19
CA SER D 20 21.10 -11.20 -14.11
C SER D 20 21.94 -10.42 -13.05
N SER D 21 23.24 -10.72 -12.99
CA SER D 21 24.17 -9.91 -12.16
C SER D 21 24.20 -8.44 -12.55
N ALA D 22 24.35 -8.24 -13.84
CA ALA D 22 24.32 -6.94 -14.48
C ALA D 22 22.97 -6.24 -14.23
N ILE D 23 21.90 -7.00 -14.41
CA ILE D 23 20.57 -6.52 -14.08
C ILE D 23 20.51 -6.03 -12.63
N GLY D 24 20.97 -6.89 -11.70
CA GLY D 24 21.02 -6.56 -10.27
C GLY D 24 21.82 -5.31 -9.93
N THR D 25 23.01 -5.23 -10.49
CA THR D 25 23.90 -4.09 -10.23
C THR D 25 23.13 -2.84 -10.63
N LYS D 26 22.57 -2.85 -11.85
CA LYS D 26 21.80 -1.69 -12.34
C LYS D 26 20.52 -1.44 -11.49
N ALA D 27 19.89 -2.51 -11.01
CA ALA D 27 18.63 -2.39 -10.24
C ALA D 27 18.93 -1.75 -8.87
N LEU D 28 20.02 -2.20 -8.20
CA LEU D 28 20.53 -1.54 -6.98
C LEU D 28 20.83 -0.03 -7.14
N GLU D 29 21.56 0.33 -8.20
CA GLU D 29 21.85 1.75 -8.52
C GLU D 29 20.56 2.54 -8.79
N ARG D 30 19.63 1.93 -9.54
CA ARG D 30 18.31 2.55 -9.80
C ARG D 30 17.53 2.84 -8.49
N MET D 31 17.40 1.80 -7.64
CA MET D 31 16.66 1.88 -6.37
C MET D 31 17.27 2.99 -5.51
N PHE D 32 18.59 3.16 -5.58
CA PHE D 32 19.29 4.17 -4.71
C PHE D 32 18.92 5.59 -5.12
N VAL D 33 18.67 5.76 -6.42
CA VAL D 33 18.38 7.08 -7.04
C VAL D 33 16.91 7.40 -6.89
N VAL D 34 16.06 6.46 -7.31
CA VAL D 34 14.60 6.66 -7.30
C VAL D 34 14.07 6.66 -5.88
N PHE D 35 14.66 5.81 -5.01
CA PHE D 35 14.25 5.66 -3.61
C PHE D 35 15.40 5.88 -2.60
N PRO D 36 15.90 7.13 -2.52
CA PRO D 36 17.17 7.43 -1.80
C PRO D 36 17.27 6.84 -0.39
N TRP D 37 16.14 6.75 0.31
CA TRP D 37 16.14 6.23 1.66
C TRP D 37 16.72 4.79 1.79
N THR D 38 16.60 4.01 0.72
CA THR D 38 17.08 2.63 0.70
C THR D 38 18.64 2.56 0.72
N ASN D 39 19.34 3.66 0.41
CA ASN D 39 20.82 3.68 0.46
C ASN D 39 21.38 3.67 1.90
N ALA D 40 20.52 3.94 2.89
CA ALA D 40 20.87 4.03 4.32
C ALA D 40 21.81 2.88 4.70
N TYR D 41 21.32 1.67 4.42
CA TYR D 41 21.95 0.44 4.85
C TYR D 41 23.35 0.13 4.26
N PHE D 42 23.69 0.75 3.11
CA PHE D 42 24.84 0.30 2.28
C PHE D 42 26.12 1.13 2.43
N PHE D 48 31.65 -0.46 0.07
CA PHE D 48 30.57 -1.19 -0.62
C PHE D 48 30.76 -1.17 -2.13
N SER D 49 30.42 -2.29 -2.76
CA SER D 49 30.39 -2.37 -4.22
C SER D 49 28.99 -2.84 -4.69
N ALA D 50 28.43 -2.11 -5.64
CA ALA D 50 27.13 -2.47 -6.16
C ALA D 50 27.21 -3.80 -6.93
N SER D 51 28.19 -3.97 -7.82
CA SER D 51 28.28 -5.23 -8.56
C SER D 51 28.57 -6.47 -7.71
N ILE D 52 29.39 -6.34 -6.67
CA ILE D 52 29.67 -7.46 -5.78
C ILE D 52 28.46 -7.78 -4.89
N HIS D 53 27.74 -6.74 -4.44
CA HIS D 53 26.52 -7.04 -3.71
C HIS D 53 25.46 -7.63 -4.65
N ALA D 54 25.39 -7.11 -5.87
CA ALA D 54 24.47 -7.68 -6.86
C ALA D 54 24.68 -9.19 -7.06
N ALA D 55 25.95 -9.63 -7.02
CA ALA D 55 26.29 -11.07 -7.16
C ALA D 55 25.58 -11.92 -6.10
N ILE D 56 25.64 -11.46 -4.88
CA ILE D 56 25.06 -12.15 -3.73
C ILE D 56 23.53 -12.14 -3.83
N VAL D 57 22.94 -10.98 -4.11
CA VAL D 57 21.47 -10.91 -4.30
C VAL D 57 21.05 -11.89 -5.41
N VAL D 58 21.77 -11.85 -6.52
CA VAL D 58 21.41 -12.65 -7.68
C VAL D 58 21.57 -14.15 -7.43
N GLY D 59 22.58 -14.51 -6.62
CA GLY D 59 22.74 -15.84 -6.01
C GLY D 59 21.48 -16.35 -5.30
N ALA D 60 20.93 -15.52 -4.41
CA ALA D 60 19.67 -15.85 -3.73
C ALA D 60 18.48 -16.03 -4.68
N LEU D 61 18.39 -15.17 -5.71
CA LEU D 61 17.28 -15.27 -6.67
C LEU D 61 17.43 -16.59 -7.48
N GLN D 62 18.64 -16.88 -7.92
CA GLN D 62 18.92 -18.15 -8.62
C GLN D 62 18.50 -19.36 -7.75
N ASP D 63 18.69 -19.22 -6.44
CA ASP D 63 18.34 -20.22 -5.43
C ASP D 63 16.84 -20.34 -5.44
N ALA D 64 16.15 -19.19 -5.55
CA ALA D 64 14.70 -19.20 -5.62
C ALA D 64 14.21 -19.92 -6.94
N VAL D 65 14.93 -19.68 -8.05
CA VAL D 65 14.55 -20.18 -9.37
C VAL D 65 14.79 -21.70 -9.38
N LYS D 66 15.87 -22.12 -8.72
CA LYS D 66 16.17 -23.54 -8.62
C LYS D 66 15.06 -24.29 -7.91
N HIS D 67 14.29 -23.61 -7.05
CA HIS D 67 13.33 -24.31 -6.22
C HIS D 67 12.05 -23.56 -6.13
N GLU D 68 11.34 -23.47 -7.25
CA GLU D 68 10.24 -22.52 -7.41
C GLU D 68 9.06 -22.83 -6.51
N ASP D 69 8.95 -24.09 -6.14
CA ASP D 69 7.84 -24.53 -5.28
C ASP D 69 8.15 -24.42 -3.78
N ASP D 70 9.37 -24.01 -3.44
CA ASP D 70 9.83 -24.05 -2.04
C ASP D 70 10.68 -22.84 -1.68
N VAL D 71 10.28 -21.67 -2.14
CA VAL D 71 11.15 -20.52 -2.00
C VAL D 71 11.32 -20.14 -0.51
N LYS D 72 10.20 -20.00 0.21
CA LYS D 72 10.24 -19.72 1.68
C LYS D 72 11.28 -20.57 2.42
N ALA D 73 11.24 -21.88 2.22
CA ALA D 73 12.04 -22.79 3.06
C ALA D 73 13.51 -22.69 2.76
N GLU D 74 13.86 -22.17 1.59
CA GLU D 74 15.26 -21.96 1.23
C GLU D 74 15.70 -20.58 1.62
N PHE D 75 14.72 -19.72 1.96
CA PHE D 75 14.97 -18.31 2.28
C PHE D 75 15.04 -18.00 3.75
N VAL D 76 14.83 -19.00 4.59
CA VAL D 76 14.79 -18.83 6.07
C VAL D 76 15.93 -18.02 6.64
N ASN D 77 17.13 -18.43 6.28
CA ASN D 77 18.33 -17.89 6.88
C ASN D 77 18.59 -16.50 6.30
N ILE D 78 18.33 -16.34 5.01
CA ILE D 78 18.39 -14.99 4.37
C ILE D 78 17.38 -14.04 5.03
N SER D 79 16.19 -14.54 5.28
CA SER D 79 15.15 -13.76 5.94
C SER D 79 15.55 -13.36 7.37
N LYS D 80 16.01 -14.33 8.18
CA LYS D 80 16.49 -14.00 9.51
C LYS D 80 17.59 -12.97 9.52
N ALA D 81 18.53 -13.07 8.60
CA ALA D 81 19.63 -12.10 8.52
C ALA D 81 19.14 -10.68 8.26
N HIS D 82 18.21 -10.54 7.32
CA HIS D 82 17.60 -9.24 7.01
C HIS D 82 16.81 -8.64 8.20
N ALA D 83 16.02 -9.45 8.88
CA ALA D 83 15.22 -9.03 10.05
C ALA D 83 16.06 -8.81 11.34
N ASP D 84 16.94 -9.77 11.64
CA ASP D 84 17.62 -9.78 12.93
C ASP D 84 19.00 -9.12 12.98
N LYS D 85 19.80 -9.21 11.92
CA LYS D 85 21.16 -8.61 11.93
C LYS D 85 21.25 -7.28 11.16
N LEU D 86 20.68 -7.28 9.96
CA LEU D 86 20.76 -6.11 9.07
C LEU D 86 19.66 -5.08 9.35
N HIS D 87 18.55 -5.53 9.95
CA HIS D 87 17.41 -4.63 10.29
C HIS D 87 16.89 -3.81 9.10
N ILE D 88 16.69 -4.53 8.00
CA ILE D 88 16.08 -4.01 6.78
C ILE D 88 14.56 -3.94 6.99
N ASP D 89 14.01 -2.77 6.69
CA ASP D 89 12.56 -2.59 6.58
C ASP D 89 11.97 -3.48 5.42
N PRO D 90 11.16 -4.47 5.76
CA PRO D 90 10.65 -5.38 4.68
C PRO D 90 9.74 -4.69 3.66
N GLY D 91 9.14 -3.59 4.12
CA GLY D 91 8.33 -2.73 3.28
C GLY D 91 9.11 -2.16 2.15
N SER D 92 10.45 -2.15 2.28
CA SER D 92 11.31 -1.70 1.21
C SER D 92 11.79 -2.76 0.23
N PHE D 93 11.66 -4.05 0.54
CA PHE D 93 11.95 -5.13 -0.44
C PHE D 93 11.42 -4.89 -1.89
N HIS D 94 10.17 -4.50 -2.05
CA HIS D 94 9.65 -4.37 -3.39
C HIS D 94 10.29 -3.17 -4.11
N LEU D 95 10.92 -2.26 -3.39
CA LEU D 95 11.56 -1.19 -4.12
C LEU D 95 12.77 -1.77 -4.87
N LEU D 96 13.44 -2.80 -4.30
CA LEU D 96 14.49 -3.45 -5.11
C LEU D 96 13.88 -4.32 -6.22
N THR D 97 12.81 -5.05 -5.94
CA THR D 97 12.34 -6.01 -6.90
C THR D 97 11.68 -5.26 -8.09
N ASP D 98 10.99 -4.14 -7.82
CA ASP D 98 10.37 -3.23 -8.81
C ASP D 98 11.47 -2.58 -9.72
N SER D 99 12.66 -2.33 -9.16
CA SER D 99 13.77 -1.82 -9.96
C SER D 99 14.29 -2.90 -10.89
N PHE D 100 14.31 -4.14 -10.41
CA PHE D 100 14.63 -5.32 -11.21
C PHE D 100 13.68 -5.44 -12.41
N ILE D 101 12.37 -5.29 -12.14
CA ILE D 101 11.40 -5.28 -13.21
C ILE D 101 11.71 -4.19 -14.19
N VAL D 102 12.00 -2.98 -13.71
CA VAL D 102 12.36 -1.93 -14.67
C VAL D 102 13.61 -2.31 -15.47
N GLU D 103 14.59 -2.96 -14.85
CA GLU D 103 15.74 -3.30 -15.67
C GLU D 103 15.42 -4.45 -16.59
N LEU D 104 14.54 -5.33 -16.16
CA LEU D 104 14.07 -6.39 -17.08
C LEU D 104 13.35 -5.78 -18.30
N ALA D 105 12.53 -4.75 -18.07
CA ALA D 105 11.80 -4.02 -19.14
C ALA D 105 12.77 -3.42 -20.14
N HIS D 106 13.80 -2.77 -19.60
CA HIS D 106 14.92 -2.27 -20.36
C HIS D 106 15.63 -3.23 -21.27
N LEU D 107 15.84 -4.42 -20.75
CA LEU D 107 16.50 -5.45 -21.54
C LEU D 107 15.57 -6.04 -22.61
N LYS D 108 14.33 -6.33 -22.22
CA LYS D 108 13.44 -7.22 -22.97
C LYS D 108 12.58 -6.41 -23.92
N LYS D 109 12.44 -5.10 -23.67
CA LYS D 109 11.73 -4.18 -24.59
C LYS D 109 10.40 -4.74 -25.03
N VAL D 110 10.12 -4.84 -26.34
CA VAL D 110 8.82 -5.36 -26.79
C VAL D 110 8.43 -6.78 -26.30
N ALA D 111 9.42 -7.58 -25.95
CA ALA D 111 9.15 -8.92 -25.43
C ALA D 111 8.63 -8.89 -23.99
N PHE D 112 8.86 -7.75 -23.29
CA PHE D 112 8.30 -7.53 -21.95
C PHE D 112 6.81 -7.14 -21.99
N THR D 113 6.02 -8.04 -22.58
CA THR D 113 4.56 -7.93 -22.66
C THR D 113 3.89 -7.83 -21.26
N PRO D 114 2.67 -7.23 -21.18
CA PRO D 114 1.94 -7.26 -19.90
C PRO D 114 1.90 -8.66 -19.29
N PHE D 115 1.73 -9.69 -20.13
CA PHE D 115 1.74 -11.08 -19.62
C PHE D 115 3.10 -11.42 -18.97
N VAL D 116 4.17 -11.18 -19.69
CA VAL D 116 5.54 -11.51 -19.26
C VAL D 116 5.87 -10.62 -18.05
N PHE D 117 5.45 -9.37 -18.11
CA PHE D 117 5.54 -8.45 -16.98
C PHE D 117 4.87 -8.99 -15.70
N ALA D 118 3.67 -9.56 -15.85
CA ALA D 118 2.95 -10.20 -14.73
C ALA D 118 3.65 -11.47 -14.23
N VAL D 119 4.35 -12.18 -15.11
CA VAL D 119 5.21 -13.29 -14.68
C VAL D 119 6.27 -12.79 -13.64
N TRP D 120 7.01 -11.74 -13.95
CA TRP D 120 8.07 -11.24 -13.10
C TRP D 120 7.54 -10.67 -11.82
N ILE D 121 6.42 -9.98 -11.94
CA ILE D 121 5.71 -9.52 -10.75
C ILE D 121 5.37 -10.64 -9.76
N LYS D 122 4.82 -11.74 -10.28
CA LYS D 122 4.50 -12.93 -9.51
C LYS D 122 5.76 -13.57 -8.83
N PHE D 123 6.82 -13.69 -9.62
CA PHE D 123 8.09 -14.25 -9.13
C PHE D 123 8.61 -13.42 -7.98
N PHE D 124 8.70 -12.12 -8.21
CA PHE D 124 9.12 -11.17 -7.16
C PHE D 124 8.27 -11.11 -5.92
N GLN D 125 6.95 -11.19 -6.07
CA GLN D 125 6.09 -11.30 -4.89
C GLN D 125 6.40 -12.53 -4.03
N VAL D 126 6.60 -13.67 -4.69
CA VAL D 126 6.99 -14.91 -4.02
C VAL D 126 8.31 -14.70 -3.26
N VAL D 127 9.27 -14.02 -3.92
CA VAL D 127 10.54 -13.63 -3.31
C VAL D 127 10.33 -12.73 -2.08
N ILE D 128 9.55 -11.66 -2.25
CA ILE D 128 9.23 -10.77 -1.15
C ILE D 128 8.66 -11.52 0.08
N ASP D 129 7.66 -12.39 -0.15
CA ASP D 129 7.04 -13.15 0.89
C ASP D 129 8.04 -14.07 1.60
N ALA D 130 8.96 -14.69 0.83
CA ALA D 130 9.97 -15.57 1.37
C ALA D 130 10.92 -14.82 2.28
N ILE D 131 11.42 -13.67 1.82
CA ILE D 131 12.43 -12.92 2.57
C ILE D 131 11.83 -12.15 3.76
N SER D 132 10.50 -11.95 3.70
CA SER D 132 9.74 -11.27 4.75
C SER D 132 9.25 -12.21 5.86
N SER D 133 9.39 -13.49 5.63
CA SER D 133 8.68 -14.48 6.45
C SER D 133 9.18 -14.52 7.90
N GLN D 134 10.46 -14.27 8.12
CA GLN D 134 11.01 -14.35 9.49
C GLN D 134 11.06 -12.99 10.25
N TYR D 135 10.37 -11.98 9.74
CA TYR D 135 10.11 -10.77 10.54
C TYR D 135 9.02 -11.02 11.58
N HIS D 136 9.35 -10.97 12.87
CA HIS D 136 8.39 -11.29 13.92
C HIS D 136 8.21 -10.18 14.94
CHA HEM E . 12.17 10.74 16.09
CHB HEM E . 7.84 12.63 15.20
CHC HEM E . 6.49 8.65 12.68
CHD HEM E . 10.95 6.92 13.21
C1A HEM E . 11.13 11.64 16.06
C2A HEM E . 11.09 12.95 16.66
C3A HEM E . 9.89 13.51 16.39
C4A HEM E . 9.13 12.51 15.66
CMA HEM E . 9.35 14.94 16.79
CAA HEM E . 12.34 13.55 17.31
CBA HEM E . 12.92 14.27 16.05
CGA HEM E . 13.96 15.29 16.39
O1A HEM E . 14.58 15.12 17.48
O2A HEM E . 14.17 16.25 15.59
C1B HEM E . 7.12 11.73 14.42
C2B HEM E . 5.81 11.96 13.87
C3B HEM E . 5.43 10.86 13.21
C4B HEM E . 6.49 9.90 13.28
CMB HEM E . 4.94 13.23 14.02
CAB HEM E . 4.11 10.62 12.42
CBB HEM E . 2.95 11.26 12.60
C1C HEM E . 7.57 7.79 12.59
C2C HEM E . 7.57 6.47 11.94
C3C HEM E . 8.82 5.95 12.10
C4C HEM E . 9.62 6.93 12.84
CMC HEM E . 6.30 5.87 11.28
CAC HEM E . 9.26 4.56 11.57
CBC HEM E . 8.37 3.53 11.51
C1D HEM E . 11.62 7.77 14.08
C2D HEM E . 12.90 7.44 14.66
C3D HEM E . 13.30 8.53 15.60
C4D HEM E . 12.24 9.51 15.44
CMD HEM E . 13.72 6.13 14.43
CAD HEM E . 14.63 8.53 16.44
CBD HEM E . 14.48 8.11 17.94
CGD HEM E . 14.30 6.61 18.25
O1D HEM E . 15.06 5.71 17.73
O2D HEM E . 13.37 6.24 19.03
NA HEM E . 9.92 11.42 15.48
NB HEM E . 7.54 10.43 14.03
NC HEM E . 8.82 8.00 13.08
ND HEM E . 11.24 9.02 14.57
FE HEM E . 9.35 9.74 14.30
CHA HEM F . -22.09 -10.21 -1.13
CHB HEM F . -18.97 -11.79 2.19
CHC HEM F . -16.44 -7.78 1.51
CHD HEM F . -19.72 -6.03 -1.66
C1A HEM F . -21.39 -10.98 -0.25
C2A HEM F . -21.73 -12.33 0.06
C3A HEM F . -20.90 -12.76 0.98
C4A HEM F . -19.99 -11.70 1.28
CMA HEM F . -20.88 -14.16 1.61
CAA HEM F . -22.90 -13.14 -0.55
CBA HEM F . -22.50 -13.75 -1.88
CGA HEM F . -23.62 -14.64 -2.36
O1A HEM F . -23.74 -15.80 -1.87
O2A HEM F . -24.41 -14.22 -3.22
C1B HEM F . -18.00 -10.87 2.34
C2B HEM F . -16.85 -10.93 3.25
C3B HEM F . -16.17 -9.79 3.04
C4B HEM F . -16.84 -8.99 2.01
CMB HEM F . -16.47 -12.05 4.26
CAB HEM F . -14.86 -9.38 3.74
CBB HEM F . -13.85 -9.04 2.92
C1C HEM F . -17.13 -6.95 0.62
C2C HEM F . -16.79 -5.59 0.27
C3C HEM F . -17.70 -5.12 -0.57
C4C HEM F . -18.64 -6.16 -0.82
CMC HEM F . -15.61 -4.76 0.79
CAC HEM F . -17.72 -3.71 -1.22
CBC HEM F . -17.44 -2.59 -0.51
C1D HEM F . -20.71 -6.96 -1.76
C2D HEM F . -21.95 -6.83 -2.51
C3D HEM F . -22.67 -8.15 -2.31
C4D HEM F . -21.79 -8.94 -1.48
CMD HEM F . -22.46 -5.61 -3.31
CAD HEM F . -24.04 -8.61 -2.85
CBD HEM F . -25.17 -8.10 -1.98
CGD HEM F . -26.45 -8.40 -2.75
O1D HEM F . -27.25 -9.25 -2.27
O2D HEM F . -26.72 -7.84 -3.87
NA HEM F . -20.31 -10.59 0.53
NB HEM F . -17.95 -9.70 1.62
NC HEM F . -18.29 -7.27 -0.07
ND HEM F . -20.66 -8.21 -1.20
FE HEM F . -19.21 -8.94 0.12
CHA HEM G . -12.11 7.97 -17.19
CHB HEM G . -7.85 10.19 -16.62
CHC HEM G . -6.31 6.68 -13.53
CHD HEM G . -10.75 4.66 -13.80
C1A HEM G . -11.09 8.90 -17.31
C2A HEM G . -11.13 10.11 -18.10
C3A HEM G . -9.96 10.74 -17.94
C4A HEM G . -9.13 9.93 -17.06
CMA HEM G . -9.55 12.09 -18.59
CAA HEM G . -12.37 10.55 -18.92
CBA HEM G . -13.45 10.73 -17.87
CGA HEM G . -13.90 12.15 -17.95
O1A HEM G . -14.89 12.34 -18.66
O2A HEM G . -13.25 13.04 -17.34
C1B HEM G . -7.09 9.44 -15.73
C2B HEM G . -5.75 9.77 -15.26
C3B HEM G . -5.34 8.81 -14.43
C4B HEM G . -6.39 7.80 -14.32
CMB HEM G . -4.89 10.97 -15.62
CAB HEM G . -4.01 8.71 -13.67
CBB HEM G . -2.82 9.11 -14.13
C1C HEM G . -7.36 5.79 -13.33
C2C HEM G . -7.36 4.54 -12.57
C3C HEM G . -8.59 4.01 -12.68
C4C HEM G . -9.42 4.88 -13.49
CMC HEM G . -6.13 3.94 -11.79
CAC HEM G . -9.11 2.70 -12.06
CBC HEM G . -8.30 1.66 -11.75
C1D HEM G . -11.52 5.34 -14.71
C2D HEM G . -12.87 5.01 -15.09
C3D HEM G . -13.25 6.05 -16.15
C4D HEM G . -12.13 6.90 -16.31
CMD HEM G . -13.73 3.82 -14.55
CAD HEM G . -14.56 6.28 -16.92
CBD HEM G . -15.16 4.97 -17.37
CGD HEM G . -14.91 4.99 -18.84
O1D HEM G . -15.69 4.33 -19.61
O2D HEM G . -13.93 5.66 -19.25
NA HEM G . -9.87 8.82 -16.70
NB HEM G . -7.45 8.23 -15.13
NC HEM G . -8.62 5.97 -13.87
ND HEM G . -11.12 6.47 -15.45
FE HEM G . -9.31 7.37 -15.35
CHA HEM H . 22.65 -8.82 2.26
CHB HEM H . 19.43 -10.99 -0.61
CHC HEM H . 16.64 -7.05 -0.53
CHD HEM H . 19.94 -4.78 2.26
C1A HEM H . 21.99 -9.73 1.52
C2A HEM H . 22.37 -11.13 1.35
C3A HEM H . 21.47 -11.73 0.56
C4A HEM H . 20.49 -10.73 0.20
CMA HEM H . 21.41 -13.19 0.06
CAA HEM H . 23.61 -11.77 2.00
CBA HEM H . 23.12 -12.50 3.24
CGA HEM H . 24.33 -12.89 4.03
O1A HEM H . 25.11 -11.96 4.38
O2A HEM H . 24.51 -14.09 4.29
C1B HEM H . 18.41 -10.10 -0.89
C2B HEM H . 17.30 -10.38 -1.77
C3B HEM H . 16.52 -9.27 -1.76
C4B HEM H . 17.13 -8.27 -0.87
CMB HEM H . 17.05 -11.70 -2.61
CAB HEM H . 15.22 -9.12 -2.57
CBB HEM H . 14.07 -8.87 -1.90
C1C HEM H . 17.31 -6.10 0.20
C2C HEM H . 16.93 -4.72 0.34
C3C HEM H . 17.86 -4.11 1.10
C4C HEM H . 18.85 -5.06 1.47
CMC HEM H . 15.68 -4.08 -0.31
CAC HEM H . 17.88 -2.62 1.52
CBC HEM H . 16.85 -1.82 1.18
C1D HEM H . 21.01 -5.61 2.47
C2D HEM H . 22.24 -5.27 3.17
C3D HEM H . 23.07 -6.52 3.14
C4D HEM H . 22.26 -7.51 2.46
CMD HEM H . 22.72 -3.95 3.81
CAD HEM H . 24.49 -6.74 3.72
CBD HEM H . 25.44 -6.39 2.56
CGD HEM H . 26.92 -6.24 2.92
O1D HEM H . 27.29 -6.21 4.14
O2D HEM H . 27.77 -6.12 1.98
NA HEM H . 20.83 -9.50 0.80
NB HEM H . 18.26 -8.84 -0.34
NC HEM H . 18.51 -6.27 0.90
ND HEM H . 21.04 -6.92 2.11
FE HEM H . 19.62 -7.93 0.96
#